data_6W80
#
_entry.id   6W80
#
_cell.length_a   60.280
_cell.length_b   60.280
_cell.length_c   367.220
_cell.angle_alpha   90.000
_cell.angle_beta   90.000
_cell.angle_gamma   120.000
#
_symmetry.space_group_name_H-M   'P 65 2 2'
#
loop_
_entity.id
_entity.type
_entity.pdbx_description
1 polymer 'Glutamate-1-semialdehyde 2,1-aminomutase'
2 non-polymer "PYRIDOXAL-5'-PHOSPHATE"
3 water water
#
_entity_poly.entity_id   1
_entity_poly.type   'polypeptide(L)'
_entity_poly.pdbx_seq_one_letter_code
;MAHHHHHHMNHDQSHALFSRAQQLLPGGVNSPVRAFKSVGGEPFFVERADGAYLYDVDGNRYIDYVGSWGPMIVGHNHPA
VRQAVKKAIDNGLSFGAPCAGEVTMAETITRLVPSCEMVRMVNSGTEATLSAIRLARGATGRNRIVKFEGCYHGHGDSFL
VKAGSGMLTLGVPTSPGVPAGLSELTLTLPYNDFEAATALFEQQGDDIAGLIIEPVVGNANCIPPREGYLQHLRALCTKH
GALLIFDEVMTGFRVALGGAQAHYGITPDLTTFGKIIGGGMPVGAYGGRRELMQQIAPAGPIYQAGTLSGNPVAMAAGLA
MLELVQQPGFHADLAERTARLCAGLEAAAADAGVAVTTTRVGAMFGLFFTSEKVETYAQATACDIPAFNRFFHAMLEQGV
FLAPSAYEAGFLSSAHDDAVIEATLAAARVAFRAAKG
;
_entity_poly.pdbx_strand_id   A
#
loop_
_chem_comp.id
_chem_comp.type
_chem_comp.name
_chem_comp.formula
PLP non-polymer PYRIDOXAL-5'-PHOSPHATE 'C8 H10 N O6 P'
#
# COMPACT_ATOMS: atom_id res chain seq x y z
N ALA A 2 5.61 19.88 -23.07
CA ALA A 2 5.84 18.62 -23.76
C ALA A 2 6.57 18.83 -25.10
N HIS A 3 7.26 17.78 -25.56
CA HIS A 3 8.10 17.88 -26.75
C HIS A 3 7.32 18.36 -27.96
N HIS A 4 6.04 17.99 -28.08
CA HIS A 4 5.21 18.40 -29.20
C HIS A 4 4.26 19.51 -28.75
N HIS A 5 4.13 20.54 -29.59
CA HIS A 5 3.13 21.57 -29.34
C HIS A 5 1.83 21.33 -30.10
N HIS A 6 1.89 20.61 -31.21
CA HIS A 6 0.70 20.29 -31.99
C HIS A 6 -0.12 19.18 -31.33
N MET A 9 -0.64 16.04 -24.92
CA MET A 9 -0.51 14.63 -24.55
C MET A 9 -0.03 13.76 -25.70
N ASN A 10 1.00 14.20 -26.40
CA ASN A 10 1.70 13.26 -27.27
C ASN A 10 2.39 12.21 -26.42
N HIS A 11 2.34 10.96 -26.87
CA HIS A 11 2.97 9.87 -26.16
C HIS A 11 3.96 9.11 -27.05
N ASP A 12 4.57 9.79 -28.03
CA ASP A 12 5.46 9.10 -28.97
C ASP A 12 6.62 8.40 -28.27
N GLN A 13 7.25 9.07 -27.30
CA GLN A 13 8.42 8.48 -26.67
C GLN A 13 8.02 7.32 -25.77
N SER A 14 6.91 7.46 -25.05
CA SER A 14 6.42 6.35 -24.25
C SER A 14 6.04 5.17 -25.14
N HIS A 15 5.38 5.45 -26.27
CA HIS A 15 4.98 4.38 -27.18
C HIS A 15 6.19 3.60 -27.69
N ALA A 16 7.26 4.31 -28.08
CA ALA A 16 8.46 3.63 -28.56
C ALA A 16 9.06 2.76 -27.47
N LEU A 17 9.14 3.31 -26.25
CA LEU A 17 9.69 2.53 -25.15
C LEU A 17 8.80 1.33 -24.82
N PHE A 18 7.48 1.54 -24.81
CA PHE A 18 6.59 0.43 -24.47
C PHE A 18 6.64 -0.67 -25.53
N SER A 19 6.75 -0.31 -26.80
CA SER A 19 6.83 -1.33 -27.85
CA SER A 19 6.83 -1.33 -27.85
C SER A 19 8.08 -2.18 -27.67
N ARG A 20 9.22 -1.56 -27.35
CA ARG A 20 10.42 -2.33 -27.09
C ARG A 20 10.25 -3.16 -25.84
N ALA A 21 9.63 -2.58 -24.79
CA ALA A 21 9.51 -3.28 -23.53
C ALA A 21 8.67 -4.54 -23.67
N GLN A 22 7.64 -4.51 -24.54
CA GLN A 22 6.77 -5.67 -24.67
C GLN A 22 7.51 -6.90 -25.16
N GLN A 23 8.62 -6.70 -25.90
CA GLN A 23 9.42 -7.81 -26.39
C GLN A 23 10.37 -8.37 -25.34
N LEU A 24 10.62 -7.61 -24.28
CA LEU A 24 11.70 -7.90 -23.36
C LEU A 24 11.25 -8.18 -21.94
N LEU A 25 10.05 -7.75 -21.54
CA LEU A 25 9.49 -7.92 -20.20
C LEU A 25 8.07 -8.46 -20.37
N PRO A 26 7.58 -9.35 -19.47
CA PRO A 26 6.20 -9.84 -19.64
C PRO A 26 5.20 -8.70 -19.58
N GLY A 27 4.44 -8.53 -20.65
CA GLY A 27 3.50 -7.44 -20.72
C GLY A 27 4.16 -6.07 -20.82
N GLY A 28 5.47 -6.03 -21.06
CA GLY A 28 6.18 -4.76 -21.14
C GLY A 28 6.47 -4.07 -19.83
N VAL A 29 6.26 -4.76 -18.69
CA VAL A 29 6.37 -4.12 -17.37
C VAL A 29 7.03 -5.05 -16.38
N ASN A 30 7.52 -4.46 -15.29
CA ASN A 30 8.04 -5.24 -14.18
C ASN A 30 7.05 -5.37 -13.03
N SER A 31 5.85 -4.76 -13.14
CA SER A 31 4.83 -5.07 -12.19
C SER A 31 3.49 -4.89 -12.93
N PRO A 32 2.57 -5.85 -12.82
CA PRO A 32 1.37 -5.86 -13.67
C PRO A 32 0.57 -4.57 -13.73
N VAL A 33 0.32 -3.89 -12.60
CA VAL A 33 -0.55 -2.71 -12.63
C VAL A 33 -0.02 -1.64 -13.58
N ARG A 34 1.29 -1.62 -13.79
CA ARG A 34 1.89 -0.59 -14.63
C ARG A 34 1.48 -0.70 -16.09
N ALA A 35 0.97 -1.85 -16.53
CA ALA A 35 0.62 -2.06 -17.94
C ALA A 35 -0.69 -1.39 -18.32
N PHE A 36 -1.41 -0.79 -17.37
CA PHE A 36 -2.66 -0.09 -17.66
C PHE A 36 -3.75 -1.00 -18.19
N LYS A 37 -3.67 -2.30 -17.97
CA LYS A 37 -4.67 -3.18 -18.58
C LYS A 37 -6.05 -2.96 -17.97
N SER A 38 -6.12 -2.52 -16.72
CA SER A 38 -7.42 -2.28 -16.09
CA SER A 38 -7.43 -2.28 -16.10
CA SER A 38 -7.42 -2.27 -16.09
C SER A 38 -8.12 -1.08 -16.73
N VAL A 39 -7.36 -0.04 -17.07
CA VAL A 39 -7.96 1.19 -17.58
C VAL A 39 -7.98 1.27 -19.11
N GLY A 40 -7.25 0.39 -19.80
CA GLY A 40 -7.08 0.46 -21.23
C GLY A 40 -5.99 1.45 -21.62
N GLY A 41 -5.52 1.31 -22.85
CA GLY A 41 -4.45 2.16 -23.32
C GLY A 41 -3.06 1.65 -22.92
N GLU A 42 -2.07 2.50 -23.19
CA GLU A 42 -0.67 2.20 -22.88
C GLU A 42 -0.17 3.11 -21.77
N PRO A 43 0.70 2.61 -20.90
CA PRO A 43 1.25 3.47 -19.84
C PRO A 43 2.21 4.49 -20.44
N PHE A 44 2.43 5.56 -19.68
CA PHE A 44 3.54 6.46 -19.99
C PHE A 44 4.79 6.04 -19.21
N PHE A 45 5.94 6.31 -19.80
CA PHE A 45 7.22 6.11 -19.14
C PHE A 45 7.62 7.41 -18.45
N VAL A 46 8.18 7.28 -17.24
CA VAL A 46 8.51 8.44 -16.42
C VAL A 46 9.98 8.81 -16.63
N GLU A 47 10.23 10.10 -16.88
CA GLU A 47 11.58 10.65 -16.91
C GLU A 47 12.05 11.01 -15.51
N ARG A 48 11.22 11.71 -14.74
CA ARG A 48 11.62 12.14 -13.40
C ARG A 48 10.36 12.48 -12.61
N ALA A 49 10.56 12.70 -11.32
CA ALA A 49 9.48 12.95 -10.38
C ALA A 49 9.96 14.03 -9.43
N ASP A 50 9.09 14.98 -9.07
CA ASP A 50 9.53 16.06 -8.19
C ASP A 50 8.32 16.69 -7.51
N GLY A 51 8.36 16.79 -6.18
CA GLY A 51 7.24 17.38 -5.48
C GLY A 51 5.97 16.60 -5.72
N ALA A 52 4.94 17.30 -6.19
CA ALA A 52 3.65 16.70 -6.47
C ALA A 52 3.57 16.07 -7.85
N TYR A 53 4.64 16.06 -8.64
CA TYR A 53 4.53 15.85 -10.08
C TYR A 53 5.33 14.67 -10.58
N LEU A 54 4.77 14.00 -11.59
CA LEU A 54 5.54 13.11 -12.46
C LEU A 54 5.75 13.81 -13.79
N TYR A 55 6.92 13.62 -14.38
CA TYR A 55 7.23 14.13 -15.70
C TYR A 55 7.52 12.94 -16.61
N ASP A 56 6.72 12.76 -17.65
CA ASP A 56 6.94 11.63 -18.53
C ASP A 56 8.01 11.93 -19.61
N VAL A 57 8.37 10.88 -20.35
CA VAL A 57 9.44 11.00 -21.34
C VAL A 57 9.03 11.81 -22.56
N ASP A 58 7.77 12.17 -22.67
CA ASP A 58 7.30 13.05 -23.72
C ASP A 58 7.18 14.50 -23.27
N GLY A 59 7.61 14.80 -22.03
CA GLY A 59 7.53 16.14 -21.49
C GLY A 59 6.22 16.51 -20.81
N ASN A 60 5.29 15.59 -20.64
CA ASN A 60 4.02 15.90 -19.99
C ASN A 60 4.17 15.82 -18.48
N ARG A 61 3.57 16.77 -17.77
CA ARG A 61 3.60 16.83 -16.32
C ARG A 61 2.25 16.43 -15.76
N TYR A 62 2.24 15.58 -14.74
CA TYR A 62 1.01 15.14 -14.09
C TYR A 62 1.10 15.41 -12.60
N ILE A 63 0.04 16.00 -12.04
CA ILE A 63 -0.14 15.92 -10.58
C ILE A 63 -0.39 14.47 -10.21
N ASP A 64 0.37 13.95 -9.24
CA ASP A 64 0.47 12.52 -8.97
C ASP A 64 -0.23 12.20 -7.67
N TYR A 65 -1.26 11.35 -7.73
CA TYR A 65 -1.90 10.76 -6.54
C TYR A 65 -1.54 9.29 -6.33
N VAL A 66 -0.54 8.79 -7.03
CA VAL A 66 0.01 7.45 -6.80
C VAL A 66 1.22 7.51 -5.88
N GLY A 67 2.11 8.50 -6.04
CA GLY A 67 3.20 8.66 -5.09
C GLY A 67 4.08 7.44 -5.02
N SER A 68 4.33 6.81 -6.16
CA SER A 68 5.08 5.57 -6.25
CA SER A 68 5.07 5.57 -6.28
C SER A 68 4.44 4.44 -5.45
N TRP A 69 3.13 4.54 -5.22
CA TRP A 69 2.31 3.56 -4.50
C TRP A 69 2.45 3.70 -3.00
N GLY A 70 2.74 4.89 -2.49
CA GLY A 70 2.78 5.08 -1.05
C GLY A 70 4.03 5.65 -0.43
N PRO A 71 5.21 5.35 -0.97
CA PRO A 71 6.41 5.85 -0.28
C PRO A 71 6.50 7.37 -0.21
N MET A 72 5.98 8.10 -1.21
CA MET A 72 6.33 9.51 -1.34
C MET A 72 5.40 10.43 -0.53
N ILE A 73 5.28 10.15 0.77
CA ILE A 73 4.34 10.92 1.58
C ILE A 73 4.80 12.35 1.77
N VAL A 74 6.10 12.61 1.60
CA VAL A 74 6.66 13.95 1.64
C VAL A 74 6.83 14.53 0.24
N GLY A 75 6.20 13.91 -0.77
CA GLY A 75 6.39 14.29 -2.15
C GLY A 75 7.60 13.57 -2.73
N HIS A 76 7.73 13.67 -4.05
CA HIS A 76 8.87 13.10 -4.75
C HIS A 76 10.10 13.97 -4.55
N ASN A 77 11.27 13.33 -4.56
CA ASN A 77 12.53 14.04 -4.64
C ASN A 77 12.66 15.09 -3.54
N HIS A 78 12.23 14.75 -2.31
CA HIS A 78 12.32 15.73 -1.24
C HIS A 78 13.80 16.03 -0.97
N PRO A 79 14.18 17.31 -0.87
CA PRO A 79 15.61 17.63 -0.70
C PRO A 79 16.27 17.02 0.52
N ALA A 80 15.55 16.87 1.65
CA ALA A 80 16.17 16.25 2.83
C ALA A 80 16.42 14.78 2.60
N VAL A 81 15.49 14.09 1.93
CA VAL A 81 15.70 12.68 1.61
C VAL A 81 16.83 12.54 0.60
N ARG A 82 16.83 13.39 -0.43
CA ARG A 82 17.89 13.35 -1.43
C ARG A 82 19.26 13.60 -0.80
N GLN A 83 19.37 14.60 0.09
CA GLN A 83 20.63 14.88 0.77
C GLN A 83 21.11 13.67 1.57
N ALA A 84 20.20 13.05 2.34
CA ALA A 84 20.58 11.88 3.14
C ALA A 84 21.06 10.74 2.24
N VAL A 85 20.38 10.51 1.12
CA VAL A 85 20.77 9.46 0.19
C VAL A 85 22.13 9.76 -0.44
N LYS A 86 22.32 11.01 -0.89
CA LYS A 86 23.61 11.34 -1.49
C LYS A 86 24.75 11.15 -0.51
N LYS A 87 24.55 11.55 0.75
CA LYS A 87 25.57 11.33 1.77
C LYS A 87 25.86 9.85 1.94
N ALA A 88 24.82 9.02 1.99
CA ALA A 88 25.05 7.58 2.13
C ALA A 88 25.76 6.98 0.92
N ILE A 89 25.42 7.45 -0.29
CA ILE A 89 26.03 6.88 -1.49
CA ILE A 89 26.03 6.93 -1.52
C ILE A 89 27.55 6.99 -1.43
N ASP A 90 28.07 8.08 -0.85
CA ASP A 90 29.51 8.28 -0.80
C ASP A 90 30.21 7.25 0.08
N ASN A 91 29.47 6.56 0.94
CA ASN A 91 30.04 5.52 1.79
C ASN A 91 30.00 4.14 1.17
N GLY A 92 29.52 4.02 -0.06
CA GLY A 92 29.31 2.73 -0.70
C GLY A 92 27.85 2.30 -0.57
N LEU A 93 27.37 1.56 -1.58
CA LEU A 93 25.93 1.32 -1.69
C LEU A 93 25.45 0.17 -0.80
N SER A 94 26.33 -0.80 -0.52
CA SER A 94 25.94 -2.00 0.23
C SER A 94 27.19 -2.52 0.90
N PHE A 95 27.03 -3.15 2.07
CA PHE A 95 28.17 -3.64 2.84
C PHE A 95 28.18 -5.14 3.05
N GLY A 96 27.02 -5.80 3.15
CA GLY A 96 27.03 -7.21 3.48
C GLY A 96 27.30 -7.48 4.95
N ALA A 97 27.26 -6.45 5.77
CA ALA A 97 27.61 -6.50 7.18
C ALA A 97 26.84 -5.38 7.84
N PRO A 98 26.70 -5.39 9.17
CA PRO A 98 25.83 -4.41 9.82
C PRO A 98 26.34 -2.99 9.68
N CYS A 99 25.39 -2.05 9.65
CA CYS A 99 25.70 -0.64 9.72
C CYS A 99 24.82 0.04 10.77
N ALA A 100 25.28 1.20 11.22
CA ALA A 100 24.57 1.91 12.28
C ALA A 100 23.15 2.28 11.86
N GLY A 101 22.93 2.57 10.57
CA GLY A 101 21.60 2.94 10.12
C GLY A 101 20.55 1.89 10.40
N GLU A 102 20.94 0.62 10.42
CA GLU A 102 20.01 -0.46 10.77
C GLU A 102 19.57 -0.35 12.22
N VAL A 103 20.49 0.01 13.12
CA VAL A 103 20.12 0.17 14.51
C VAL A 103 19.19 1.36 14.68
N THR A 104 19.54 2.50 14.06
CA THR A 104 18.69 3.69 14.14
C THR A 104 17.30 3.41 13.56
N MET A 105 17.24 2.69 12.44
CA MET A 105 15.94 2.35 11.86
C MET A 105 15.11 1.50 12.81
N ALA A 106 15.71 0.47 13.42
CA ALA A 106 14.98 -0.36 14.37
C ALA A 106 14.53 0.46 15.58
N GLU A 107 15.39 1.34 16.10
CA GLU A 107 15.00 2.20 17.20
C GLU A 107 13.80 3.05 16.82
N THR A 108 13.79 3.57 15.59
CA THR A 108 12.74 4.49 15.17
C THR A 108 11.42 3.76 14.99
N ILE A 109 11.42 2.63 14.28
CA ILE A 109 10.18 1.89 14.08
C ILE A 109 9.60 1.42 15.41
N THR A 110 10.43 0.85 16.29
CA THR A 110 9.92 0.35 17.55
C THR A 110 9.42 1.46 18.48
N ARG A 111 10.05 2.64 18.43
CA ARG A 111 9.54 3.77 19.22
C ARG A 111 8.20 4.27 18.69
N LEU A 112 8.06 4.35 17.37
CA LEU A 112 6.84 4.91 16.77
C LEU A 112 5.71 3.91 16.73
N VAL A 113 6.01 2.60 16.72
CA VAL A 113 4.99 1.56 16.61
C VAL A 113 5.27 0.58 17.74
N PRO A 114 4.87 0.89 18.98
CA PRO A 114 5.37 0.15 20.14
C PRO A 114 4.88 -1.30 20.26
N SER A 115 3.91 -1.73 19.46
CA SER A 115 3.63 -3.16 19.40
C SER A 115 4.85 -3.93 18.93
N CYS A 116 5.82 -3.25 18.31
CA CYS A 116 7.06 -3.85 17.85
C CYS A 116 8.13 -3.56 18.89
N GLU A 117 8.54 -4.59 19.61
CA GLU A 117 9.72 -4.50 20.45
C GLU A 117 10.98 -4.80 19.65
N MET A 118 10.83 -5.56 18.59
CA MET A 118 11.93 -6.02 17.76
CA MET A 118 11.94 -5.95 17.74
C MET A 118 11.41 -6.03 16.33
N VAL A 119 12.29 -5.73 15.37
CA VAL A 119 11.92 -5.76 13.95
C VAL A 119 13.00 -6.51 13.19
N ARG A 120 12.71 -6.81 11.92
CA ARG A 120 13.67 -7.42 11.01
C ARG A 120 13.40 -6.79 9.66
N MET A 121 14.44 -6.21 9.07
CA MET A 121 14.29 -5.58 7.76
C MET A 121 14.38 -6.63 6.66
N VAL A 122 13.63 -6.41 5.59
CA VAL A 122 13.66 -7.22 4.37
C VAL A 122 13.67 -6.26 3.18
N ASN A 123 13.42 -6.76 1.98
CA ASN A 123 13.58 -5.91 0.80
C ASN A 123 12.29 -5.57 0.08
N SER A 124 11.14 -6.03 0.58
CA SER A 124 9.87 -5.75 -0.08
C SER A 124 8.75 -6.09 0.89
N GLY A 125 7.55 -5.63 0.57
CA GLY A 125 6.35 -6.08 1.28
C GLY A 125 6.11 -7.57 1.12
N THR A 126 6.34 -8.10 -0.08
CA THR A 126 6.22 -9.55 -0.32
C THR A 126 7.09 -10.35 0.65
N GLU A 127 8.35 -9.95 0.81
CA GLU A 127 9.22 -10.67 1.73
C GLU A 127 8.73 -10.51 3.17
N ALA A 128 8.22 -9.33 3.54
CA ALA A 128 7.79 -9.11 4.92
C ALA A 128 6.62 -10.02 5.27
N THR A 129 5.64 -10.12 4.38
CA THR A 129 4.45 -10.87 4.75
C THR A 129 4.69 -12.37 4.65
N LEU A 130 5.47 -12.84 3.66
CA LEU A 130 5.76 -14.25 3.64
C LEU A 130 6.58 -14.67 4.87
N SER A 131 7.44 -13.78 5.38
CA SER A 131 8.14 -14.05 6.64
C SER A 131 7.19 -14.06 7.84
N ALA A 132 6.25 -13.10 7.89
CA ALA A 132 5.37 -13.00 9.03
C ALA A 132 4.49 -14.23 9.17
N ILE A 133 4.02 -14.77 8.04
CA ILE A 133 3.15 -15.94 8.17
C ILE A 133 3.96 -17.18 8.52
N ARG A 134 5.22 -17.26 8.06
CA ARG A 134 6.08 -18.36 8.49
C ARG A 134 6.33 -18.27 9.99
N LEU A 135 6.56 -17.05 10.50
CA LEU A 135 6.73 -16.85 11.93
C LEU A 135 5.48 -17.27 12.70
N ALA A 136 4.29 -16.88 12.22
CA ALA A 136 3.06 -17.26 12.91
C ALA A 136 2.88 -18.78 12.91
N ARG A 137 3.11 -19.44 11.76
CA ARG A 137 3.03 -20.90 11.73
C ARG A 137 4.05 -21.54 12.68
N GLY A 138 5.30 -21.06 12.65
CA GLY A 138 6.33 -21.71 13.44
C GLY A 138 6.17 -21.47 14.93
N ALA A 139 5.67 -20.28 15.32
CA ALA A 139 5.51 -19.98 16.73
C ALA A 139 4.30 -20.68 17.33
N THR A 140 3.24 -20.88 16.55
CA THR A 140 2.02 -21.49 17.08
C THR A 140 1.96 -22.99 16.85
N GLY A 141 2.77 -23.52 15.94
CA GLY A 141 2.66 -24.92 15.61
C GLY A 141 1.44 -25.27 14.80
N ARG A 142 0.76 -24.28 14.22
CA ARG A 142 -0.44 -24.49 13.44
C ARG A 142 -0.17 -24.10 12.00
N ASN A 143 -1.05 -24.56 11.10
CA ASN A 143 -0.81 -24.45 9.68
C ASN A 143 -1.68 -23.46 8.95
N ARG A 144 -2.87 -23.12 9.47
CA ARG A 144 -3.82 -22.35 8.67
C ARG A 144 -3.63 -20.86 8.86
N ILE A 145 -3.75 -20.12 7.76
CA ILE A 145 -3.67 -18.66 7.76
C ILE A 145 -4.98 -18.12 7.24
N VAL A 146 -5.51 -17.07 7.88
CA VAL A 146 -6.73 -16.40 7.43
C VAL A 146 -6.34 -15.08 6.77
N LYS A 147 -6.90 -14.82 5.57
CA LYS A 147 -6.77 -13.51 4.94
C LYS A 147 -8.15 -13.08 4.48
N PHE A 148 -8.22 -11.89 3.91
CA PHE A 148 -9.49 -11.27 3.54
C PHE A 148 -9.55 -10.96 2.05
N GLU A 149 -10.73 -11.21 1.46
CA GLU A 149 -10.90 -10.98 0.04
C GLU A 149 -10.74 -9.50 -0.22
N GLY A 150 -9.89 -9.15 -1.19
CA GLY A 150 -9.61 -7.77 -1.49
C GLY A 150 -8.32 -7.24 -0.90
N CYS A 151 -7.81 -7.88 0.13
CA CYS A 151 -6.49 -7.53 0.63
C CYS A 151 -5.42 -8.17 -0.24
N TYR A 152 -4.30 -7.48 -0.33
CA TYR A 152 -3.14 -7.96 -1.09
C TYR A 152 -1.90 -7.80 -0.21
N HIS A 153 -1.10 -8.87 -0.12
CA HIS A 153 0.04 -8.92 0.77
C HIS A 153 1.34 -9.14 0.04
N GLY A 154 1.31 -9.22 -1.28
CA GLY A 154 2.46 -9.67 -2.04
C GLY A 154 2.19 -11.04 -2.64
N HIS A 155 3.21 -11.59 -3.30
CA HIS A 155 3.00 -12.79 -4.11
C HIS A 155 3.57 -14.08 -3.51
N GLY A 156 3.89 -14.13 -2.22
CA GLY A 156 4.14 -15.42 -1.58
C GLY A 156 3.02 -16.40 -1.89
N ASP A 157 3.37 -17.67 -2.11
CA ASP A 157 2.38 -18.60 -2.64
CA ASP A 157 2.42 -18.67 -2.61
C ASP A 157 1.17 -18.76 -1.74
N SER A 158 1.34 -18.69 -0.41
CA SER A 158 0.20 -18.85 0.49
C SER A 158 -0.85 -17.76 0.32
N PHE A 159 -0.50 -16.63 -0.29
CA PHE A 159 -1.45 -15.54 -0.49
C PHE A 159 -2.19 -15.62 -1.81
N LEU A 160 -1.72 -16.46 -2.74
CA LEU A 160 -2.29 -16.55 -4.08
C LEU A 160 -3.41 -17.59 -4.09
N VAL A 161 -4.43 -17.32 -3.27
CA VAL A 161 -5.47 -18.28 -2.93
C VAL A 161 -6.80 -17.54 -2.81
N LYS A 162 -7.89 -18.22 -3.20
CA LYS A 162 -9.26 -17.74 -3.00
C LYS A 162 -10.07 -18.81 -2.28
N ALA A 163 -11.26 -18.42 -1.81
CA ALA A 163 -12.12 -19.34 -1.05
C ALA A 163 -12.57 -20.57 -1.84
N MET A 167 -17.23 -27.62 3.27
CA MET A 167 -17.57 -27.47 4.68
C MET A 167 -16.50 -26.64 5.41
N LEU A 168 -15.23 -26.98 5.21
CA LEU A 168 -14.12 -26.30 5.87
C LEU A 168 -13.57 -25.12 5.07
N THR A 169 -14.17 -24.81 3.91
CA THR A 169 -13.76 -23.68 3.06
C THR A 169 -12.28 -23.70 2.71
N LEU A 170 -11.79 -24.87 2.29
CA LEU A 170 -10.39 -25.01 1.93
C LEU A 170 -10.05 -24.14 0.73
N GLY A 171 -8.93 -23.42 0.83
CA GLY A 171 -8.52 -22.53 -0.24
C GLY A 171 -8.13 -23.28 -1.50
N VAL A 172 -8.28 -22.58 -2.63
CA VAL A 172 -7.84 -23.06 -3.94
C VAL A 172 -6.94 -22.00 -4.58
N PRO A 173 -5.96 -22.38 -5.39
CA PRO A 173 -5.02 -21.38 -5.93
C PRO A 173 -5.69 -20.43 -6.92
N THR A 174 -5.19 -19.20 -6.94
CA THR A 174 -5.61 -18.22 -7.93
C THR A 174 -4.64 -18.09 -9.08
N SER A 175 -3.49 -18.74 -9.00
CA SER A 175 -2.49 -18.69 -10.04
C SER A 175 -2.05 -20.13 -10.31
N PRO A 176 -1.80 -20.49 -11.57
CA PRO A 176 -1.04 -21.71 -11.81
C PRO A 176 0.30 -21.63 -11.09
N GLY A 177 0.87 -22.79 -10.79
CA GLY A 177 2.16 -22.83 -10.15
C GLY A 177 2.13 -22.75 -8.65
N VAL A 178 0.95 -22.57 -8.07
CA VAL A 178 0.78 -22.52 -6.62
C VAL A 178 0.21 -23.88 -6.20
N PRO A 179 0.94 -24.67 -5.41
CA PRO A 179 0.46 -26.02 -5.10
C PRO A 179 -0.89 -26.05 -4.37
N ALA A 180 -1.72 -27.02 -4.75
CA ALA A 180 -3.07 -27.12 -4.23
C ALA A 180 -3.07 -27.41 -2.74
N GLY A 181 -2.19 -28.32 -2.31
CA GLY A 181 -2.14 -28.65 -0.90
C GLY A 181 -1.88 -27.43 -0.05
N LEU A 182 -0.86 -26.65 -0.44
CA LEU A 182 -0.53 -25.42 0.29
C LEU A 182 -1.71 -24.46 0.30
N SER A 183 -2.42 -24.33 -0.84
CA SER A 183 -3.55 -23.40 -0.92
C SER A 183 -4.67 -23.75 0.06
N GLU A 184 -4.84 -25.03 0.36
CA GLU A 184 -5.90 -25.43 1.29
C GLU A 184 -5.70 -24.83 2.68
N LEU A 185 -4.46 -24.46 3.03
CA LEU A 185 -4.14 -23.94 4.35
C LEU A 185 -4.43 -22.46 4.49
N THR A 186 -4.82 -21.77 3.41
CA THR A 186 -5.19 -20.36 3.49
C THR A 186 -6.71 -20.28 3.40
N LEU A 187 -7.32 -19.64 4.40
CA LEU A 187 -8.77 -19.45 4.50
C LEU A 187 -9.05 -17.99 4.21
N THR A 188 -10.14 -17.71 3.51
CA THR A 188 -10.46 -16.33 3.12
C THR A 188 -11.81 -15.94 3.69
N LEU A 189 -11.85 -14.77 4.34
CA LEU A 189 -13.05 -14.16 4.89
C LEU A 189 -13.40 -12.87 4.16
N PRO A 190 -14.65 -12.42 4.24
CA PRO A 190 -15.01 -11.09 3.73
C PRO A 190 -14.59 -10.01 4.70
N TYR A 191 -13.90 -9.00 4.19
CA TYR A 191 -13.56 -7.85 5.02
C TYR A 191 -14.81 -7.19 5.58
N ASN A 192 -14.73 -6.75 6.83
CA ASN A 192 -15.81 -6.07 7.55
C ASN A 192 -16.98 -6.97 7.96
N ASP A 193 -16.87 -8.30 7.80
CA ASP A 193 -17.96 -9.23 8.12
C ASP A 193 -17.73 -9.81 9.51
N PHE A 194 -18.41 -9.25 10.52
CA PHE A 194 -18.21 -9.69 11.89
C PHE A 194 -18.62 -11.15 12.05
N GLU A 195 -19.79 -11.50 11.51
CA GLU A 195 -20.35 -12.83 11.75
C GLU A 195 -19.53 -13.93 11.07
N ALA A 196 -19.02 -13.65 9.86
CA ALA A 196 -18.22 -14.66 9.17
C ALA A 196 -16.94 -14.95 9.94
N ALA A 197 -16.32 -13.92 10.53
CA ALA A 197 -15.11 -14.13 11.31
C ALA A 197 -15.40 -14.98 12.54
N THR A 198 -16.47 -14.64 13.26
CA THR A 198 -16.85 -15.45 14.42
C THR A 198 -17.08 -16.90 14.05
N ALA A 199 -17.81 -17.13 12.94
CA ALA A 199 -18.13 -18.51 12.55
C ALA A 199 -16.88 -19.29 12.20
N LEU A 200 -15.91 -18.66 11.52
CA LEU A 200 -14.70 -19.38 11.13
C LEU A 200 -13.89 -19.80 12.35
N PHE A 201 -13.78 -18.93 13.35
CA PHE A 201 -13.03 -19.27 14.56
C PHE A 201 -13.78 -20.29 15.40
N GLU A 202 -15.10 -20.25 15.42
CA GLU A 202 -15.87 -21.30 16.08
C GLU A 202 -15.62 -22.65 15.43
N GLN A 203 -15.46 -22.67 14.10
CA GLN A 203 -15.26 -23.93 13.39
C GLN A 203 -13.82 -24.44 13.48
N GLN A 204 -12.83 -23.55 13.34
CA GLN A 204 -11.47 -24.05 13.25
C GLN A 204 -10.43 -23.14 13.89
N GLY A 205 -10.84 -22.34 14.89
CA GLY A 205 -9.90 -21.43 15.53
C GLY A 205 -8.67 -22.11 16.12
N ASP A 206 -8.82 -23.34 16.63
CA ASP A 206 -7.70 -24.07 17.22
C ASP A 206 -6.58 -24.31 16.23
N ASP A 207 -6.89 -24.25 14.93
CA ASP A 207 -5.94 -24.59 13.88
C ASP A 207 -5.45 -23.39 13.11
N ILE A 208 -5.84 -22.19 13.50
CA ILE A 208 -5.42 -20.98 12.81
C ILE A 208 -4.15 -20.45 13.45
N ALA A 209 -3.06 -20.43 12.69
CA ALA A 209 -1.80 -19.85 13.14
C ALA A 209 -1.87 -18.34 13.19
N GLY A 210 -2.47 -17.72 12.20
CA GLY A 210 -2.38 -16.28 12.06
C GLY A 210 -3.49 -15.77 11.19
N LEU A 211 -3.87 -14.52 11.44
CA LEU A 211 -4.87 -13.82 10.65
C LEU A 211 -4.20 -12.54 10.21
N ILE A 212 -4.10 -12.34 8.88
CA ILE A 212 -3.40 -11.20 8.32
C ILE A 212 -4.43 -10.32 7.63
N ILE A 213 -4.30 -9.01 7.82
CA ILE A 213 -5.29 -8.07 7.29
C ILE A 213 -4.62 -6.73 7.02
N GLU A 214 -5.05 -6.06 5.94
CA GLU A 214 -4.79 -4.64 5.80
C GLU A 214 -5.76 -3.93 6.73
N PRO A 215 -5.30 -3.27 7.79
CA PRO A 215 -6.28 -2.75 8.76
C PRO A 215 -7.25 -1.75 8.15
N VAL A 216 -6.75 -0.93 7.22
CA VAL A 216 -7.57 -0.20 6.26
C VAL A 216 -7.23 -0.84 4.92
N VAL A 217 -8.23 -1.34 4.20
CA VAL A 217 -7.94 -1.91 2.89
C VAL A 217 -7.53 -0.80 1.94
N GLY A 218 -6.47 -1.05 1.16
CA GLY A 218 -6.09 -0.17 0.07
C GLY A 218 -6.08 -0.86 -1.29
N ASN A 219 -6.06 -2.20 -1.33
CA ASN A 219 -5.92 -2.96 -2.56
C ASN A 219 -7.25 -3.46 -3.12
N ALA A 220 -8.36 -2.98 -2.58
CA ALA A 220 -9.68 -3.06 -3.20
C ALA A 220 -10.28 -1.67 -3.22
N ASN A 221 -9.45 -0.69 -3.57
CA ASN A 221 -9.68 0.72 -3.25
C ASN A 221 -9.64 0.89 -1.73
N CYS A 222 -9.89 2.08 -1.22
CA CYS A 222 -9.76 2.38 0.20
C CYS A 222 -11.04 2.00 0.94
N ILE A 223 -10.96 0.98 1.79
CA ILE A 223 -12.14 0.59 2.56
C ILE A 223 -11.79 0.58 4.03
N PRO A 224 -12.29 1.55 4.81
CA PRO A 224 -11.97 1.59 6.24
C PRO A 224 -12.75 0.53 7.00
N PRO A 225 -12.25 0.13 8.15
CA PRO A 225 -12.96 -0.87 8.95
C PRO A 225 -14.18 -0.27 9.63
N ARG A 226 -15.21 -1.10 9.78
CA ARG A 226 -16.38 -0.70 10.56
C ARG A 226 -15.98 -0.55 12.03
N GLU A 227 -16.72 0.30 12.74
CA GLU A 227 -16.42 0.50 14.16
C GLU A 227 -16.43 -0.81 14.93
N GLY A 228 -15.33 -1.09 15.63
CA GLY A 228 -15.19 -2.30 16.43
C GLY A 228 -14.71 -3.52 15.67
N TYR A 229 -14.60 -3.43 14.34
CA TYR A 229 -14.26 -4.61 13.56
C TYR A 229 -12.85 -5.10 13.85
N LEU A 230 -11.86 -4.20 13.86
CA LEU A 230 -10.50 -4.65 14.15
C LEU A 230 -10.40 -5.16 15.58
N GLN A 231 -11.15 -4.54 16.51
CA GLN A 231 -11.18 -5.01 17.88
CA GLN A 231 -11.13 -5.04 17.88
C GLN A 231 -11.78 -6.41 17.95
N HIS A 232 -12.78 -6.67 17.13
CA HIS A 232 -13.40 -7.98 17.06
C HIS A 232 -12.40 -9.05 16.60
N LEU A 233 -11.63 -8.74 15.56
CA LEU A 233 -10.60 -9.68 15.10
C LEU A 233 -9.53 -9.91 16.15
N ARG A 234 -9.09 -8.85 16.82
CA ARG A 234 -8.12 -8.98 17.91
C ARG A 234 -8.67 -9.92 18.98
N ALA A 235 -9.96 -9.78 19.33
CA ALA A 235 -10.52 -10.62 20.38
C ALA A 235 -10.57 -12.09 19.94
N LEU A 236 -10.95 -12.35 18.69
CA LEU A 236 -10.99 -13.73 18.21
C LEU A 236 -9.60 -14.35 18.22
N CYS A 237 -8.60 -13.60 17.75
CA CYS A 237 -7.26 -14.16 17.72
C CYS A 237 -6.79 -14.50 19.12
N THR A 238 -6.97 -13.57 20.06
CA THR A 238 -6.52 -13.82 21.43
C THR A 238 -7.28 -14.98 22.05
N LYS A 239 -8.60 -15.04 21.85
CA LYS A 239 -9.40 -16.13 22.40
C LYS A 239 -8.92 -17.49 21.91
N HIS A 240 -8.50 -17.57 20.65
CA HIS A 240 -8.21 -18.86 20.03
C HIS A 240 -6.73 -19.17 19.89
N GLY A 241 -5.84 -18.27 20.30
CA GLY A 241 -4.43 -18.49 20.22
C GLY A 241 -3.81 -18.24 18.86
N ALA A 242 -4.50 -17.54 17.97
CA ALA A 242 -3.94 -17.18 16.68
C ALA A 242 -3.24 -15.82 16.79
N LEU A 243 -2.25 -15.59 15.94
CA LEU A 243 -1.56 -14.32 15.93
C LEU A 243 -2.28 -13.35 14.99
N LEU A 244 -2.51 -12.13 15.46
CA LEU A 244 -3.06 -11.07 14.63
C LEU A 244 -1.90 -10.36 13.93
N ILE A 245 -1.92 -10.38 12.60
CA ILE A 245 -0.88 -9.77 11.77
C ILE A 245 -1.49 -8.58 11.04
N PHE A 246 -1.02 -7.37 11.35
CA PHE A 246 -1.46 -6.19 10.61
C PHE A 246 -0.45 -5.96 9.48
N ASP A 247 -0.94 -5.99 8.22
CA ASP A 247 -0.11 -5.61 7.08
C ASP A 247 -0.24 -4.10 6.94
N GLU A 248 0.77 -3.39 7.45
CA GLU A 248 0.82 -1.93 7.41
C GLU A 248 1.83 -1.44 6.36
N VAL A 249 2.07 -2.26 5.34
CA VAL A 249 2.94 -1.82 4.25
C VAL A 249 2.44 -0.50 3.66
N MET A 250 1.11 -0.37 3.46
CA MET A 250 0.54 0.85 2.92
C MET A 250 0.07 1.82 4.01
N THR A 251 -0.53 1.31 5.08
CA THR A 251 -1.09 2.23 6.08
C THR A 251 -0.03 2.78 7.02
N GLY A 252 1.08 2.06 7.20
CA GLY A 252 2.09 2.47 8.17
C GLY A 252 2.64 3.84 7.86
N PHE A 253 2.67 4.70 8.87
CA PHE A 253 3.20 6.05 8.75
C PHE A 253 2.38 6.92 7.83
N ARG A 254 1.23 6.44 7.37
CA ARG A 254 0.40 7.16 6.42
C ARG A 254 -0.99 7.45 6.96
N VAL A 255 -1.66 6.44 7.53
CA VAL A 255 -2.94 6.66 8.19
C VAL A 255 -2.77 7.53 9.41
N ALA A 256 -1.62 7.42 10.07
CA ALA A 256 -1.25 8.12 11.29
C ALA A 256 0.23 7.84 11.49
N LEU A 257 0.87 8.62 12.37
CA LEU A 257 2.27 8.38 12.66
C LEU A 257 2.50 6.95 13.18
N GLY A 258 1.64 6.50 14.09
CA GLY A 258 1.69 5.16 14.63
C GLY A 258 0.93 4.12 13.84
N GLY A 259 0.52 4.43 12.61
CA GLY A 259 -0.13 3.46 11.75
C GLY A 259 -1.60 3.33 12.08
N ALA A 260 -2.26 2.44 11.31
CA ALA A 260 -3.65 2.15 11.59
C ALA A 260 -3.81 1.56 13.00
N GLN A 261 -2.83 0.80 13.47
CA GLN A 261 -2.98 0.26 14.81
C GLN A 261 -3.04 1.36 15.87
N ALA A 262 -2.28 2.44 15.71
CA ALA A 262 -2.48 3.56 16.64
C ALA A 262 -3.83 4.23 16.42
N HIS A 263 -4.20 4.46 15.16
CA HIS A 263 -5.40 5.21 14.85
C HIS A 263 -6.64 4.54 15.44
N TYR A 264 -6.70 3.22 15.36
CA TYR A 264 -7.86 2.46 15.83
C TYR A 264 -7.65 1.83 17.21
N GLY A 265 -6.48 1.96 17.78
CA GLY A 265 -6.25 1.46 19.13
C GLY A 265 -6.18 -0.05 19.23
N ILE A 266 -5.43 -0.69 18.33
CA ILE A 266 -5.28 -2.14 18.33
C ILE A 266 -3.81 -2.45 18.55
N THR A 267 -3.55 -3.52 19.28
CA THR A 267 -2.18 -4.03 19.37
C THR A 267 -2.09 -5.36 18.65
N PRO A 268 -1.57 -5.40 17.43
CA PRO A 268 -1.35 -6.69 16.74
C PRO A 268 -0.17 -7.45 17.34
N ASP A 269 -0.10 -8.75 17.03
CA ASP A 269 1.04 -9.55 17.44
C ASP A 269 2.23 -9.35 16.50
N LEU A 270 1.97 -9.14 15.20
CA LEU A 270 2.99 -8.86 14.20
C LEU A 270 2.47 -7.75 13.32
N THR A 271 3.39 -6.94 12.81
CA THR A 271 3.11 -5.91 11.81
C THR A 271 4.13 -6.02 10.71
N THR A 272 3.66 -5.89 9.47
CA THR A 272 4.57 -5.74 8.34
C THR A 272 4.57 -4.28 7.86
N PHE A 273 5.74 -3.82 7.42
CA PHE A 273 5.96 -2.45 6.99
C PHE A 273 6.63 -2.46 5.63
N GLY A 274 6.51 -1.34 4.93
CA GLY A 274 7.21 -1.11 3.69
C GLY A 274 7.04 0.32 3.26
N LYS A 275 7.23 0.55 1.96
CA LYS A 275 6.93 1.85 1.34
CA LYS A 275 6.95 1.85 1.34
C LYS A 275 7.62 3.02 2.04
N ILE A 276 6.89 3.76 2.91
CA ILE A 276 7.49 4.93 3.54
C ILE A 276 8.81 4.62 4.26
N ILE A 277 8.92 3.44 4.87
CA ILE A 277 10.13 3.11 5.62
C ILE A 277 11.38 2.97 4.76
N GLY A 278 11.22 2.96 3.42
CA GLY A 278 12.37 2.95 2.56
C GLY A 278 12.63 4.25 1.82
N GLY A 279 11.77 5.24 2.04
CA GLY A 279 11.97 6.56 1.46
C GLY A 279 11.96 6.57 -0.05
N GLY A 280 11.42 5.52 -0.69
CA GLY A 280 11.49 5.35 -2.13
C GLY A 280 12.34 4.20 -2.59
N MET A 281 13.15 3.62 -1.72
CA MET A 281 13.99 2.50 -2.11
CA MET A 281 14.01 2.51 -2.08
C MET A 281 13.37 1.20 -1.64
N PRO A 282 13.78 0.06 -2.23
CA PRO A 282 13.17 -1.23 -1.83
C PRO A 282 13.46 -1.58 -0.39
N VAL A 283 12.44 -1.60 0.48
N VAL A 283 12.40 -1.65 0.40
CA VAL A 283 12.56 -1.84 1.92
CA VAL A 283 12.49 -2.04 1.79
C VAL A 283 11.27 -2.36 2.53
C VAL A 283 11.24 -2.84 2.11
N GLY A 284 11.31 -3.51 3.24
CA GLY A 284 10.17 -4.00 3.98
C GLY A 284 10.66 -4.26 5.39
N ALA A 285 9.72 -4.61 6.27
CA ALA A 285 10.10 -5.03 7.62
C ALA A 285 8.96 -5.81 8.24
N TYR A 286 9.29 -6.62 9.24
CA TYR A 286 8.25 -7.19 10.09
C TYR A 286 8.71 -7.11 11.52
N GLY A 287 7.76 -7.00 12.45
CA GLY A 287 8.12 -6.84 13.86
C GLY A 287 6.98 -7.16 14.80
N GLY A 288 7.32 -7.27 16.09
CA GLY A 288 6.34 -7.63 17.11
C GLY A 288 7.06 -7.74 18.43
N ARG A 289 6.48 -8.48 19.39
CA ARG A 289 7.12 -8.65 20.68
C ARG A 289 8.43 -9.42 20.54
N ARG A 290 9.36 -9.13 21.45
CA ARG A 290 10.70 -9.73 21.44
C ARG A 290 10.64 -11.26 21.48
N GLU A 291 9.85 -11.82 22.40
CA GLU A 291 9.86 -13.27 22.52
C GLU A 291 9.48 -13.95 21.21
N LEU A 292 8.50 -13.39 20.50
CA LEU A 292 8.08 -13.93 19.22
C LEU A 292 9.16 -13.74 18.15
N MET A 293 9.68 -12.51 18.04
CA MET A 293 10.68 -12.22 17.04
C MET A 293 11.98 -12.99 17.26
N GLN A 294 12.24 -13.39 18.51
CA GLN A 294 13.44 -14.20 18.76
C GLN A 294 13.31 -15.64 18.28
N GLN A 295 12.19 -16.01 17.68
CA GLN A 295 12.14 -17.25 16.93
C GLN A 295 12.88 -17.15 15.61
N ILE A 296 13.22 -15.94 15.15
CA ILE A 296 13.78 -15.75 13.81
C ILE A 296 15.30 -15.94 13.86
N ALA A 297 15.83 -16.62 12.85
CA ALA A 297 17.26 -16.86 12.77
C ALA A 297 18.00 -15.53 12.73
N PRO A 298 19.15 -15.42 13.38
CA PRO A 298 19.89 -16.51 14.01
C PRO A 298 19.59 -16.67 15.50
N ALA A 299 18.59 -15.95 16.02
CA ALA A 299 18.23 -16.10 17.42
C ALA A 299 17.45 -17.39 17.66
N GLY A 300 16.63 -17.78 16.70
CA GLY A 300 15.78 -18.94 16.85
C GLY A 300 15.78 -19.76 15.57
N PRO A 301 14.91 -20.78 15.51
CA PRO A 301 15.00 -21.76 14.42
C PRO A 301 14.26 -21.41 13.16
N ILE A 302 13.49 -20.34 13.12
CA ILE A 302 12.67 -20.02 11.95
C ILE A 302 13.53 -19.22 10.98
N TYR A 303 13.77 -19.79 9.82
CA TYR A 303 14.78 -19.24 8.94
C TYR A 303 14.24 -18.12 8.07
N GLN A 304 14.98 -17.02 8.02
CA GLN A 304 14.72 -15.94 7.07
C GLN A 304 16.02 -15.15 6.96
N ALA A 305 16.37 -14.78 5.73
CA ALA A 305 17.62 -14.11 5.45
C ALA A 305 17.42 -13.18 4.27
N GLY A 306 18.33 -12.23 4.11
CA GLY A 306 18.29 -11.36 2.95
C GLY A 306 19.62 -10.66 2.77
N THR A 307 20.30 -10.95 1.65
CA THR A 307 21.67 -10.49 1.47
C THR A 307 21.76 -8.98 1.51
N LEU A 308 20.80 -8.29 0.91
CA LEU A 308 20.85 -6.83 0.80
C LEU A 308 19.97 -6.14 1.83
N SER A 309 19.38 -6.90 2.76
CA SER A 309 18.49 -6.30 3.76
C SER A 309 19.25 -5.32 4.65
N GLY A 310 18.56 -4.26 5.05
CA GLY A 310 19.19 -3.27 5.89
C GLY A 310 20.28 -2.51 5.17
N ASN A 311 20.19 -2.41 3.86
CA ASN A 311 21.30 -1.74 3.21
C ASN A 311 21.32 -0.25 3.55
N PRO A 312 22.52 0.34 3.56
CA PRO A 312 22.69 1.65 4.19
C PRO A 312 22.04 2.80 3.46
N VAL A 313 21.91 2.70 2.13
CA VAL A 313 21.30 3.79 1.39
C VAL A 313 19.81 3.79 1.64
N ALA A 314 19.20 2.60 1.61
CA ALA A 314 17.79 2.48 1.94
C ALA A 314 17.50 2.92 3.38
N MET A 315 18.38 2.57 4.34
CA MET A 315 18.17 3.01 5.72
C MET A 315 18.22 4.53 5.79
N ALA A 316 19.18 5.15 5.10
CA ALA A 316 19.28 6.60 5.14
C ALA A 316 18.05 7.28 4.53
N ALA A 317 17.55 6.74 3.39
CA ALA A 317 16.37 7.33 2.77
C ALA A 317 15.15 7.19 3.68
N GLY A 318 14.94 6.01 4.24
CA GLY A 318 13.80 5.81 5.11
C GLY A 318 13.88 6.64 6.37
N LEU A 319 15.08 6.74 6.96
CA LEU A 319 15.22 7.53 8.18
C LEU A 319 14.94 8.99 7.92
N ALA A 320 15.37 9.50 6.75
CA ALA A 320 15.08 10.90 6.43
C ALA A 320 13.57 11.12 6.30
N MET A 321 12.86 10.19 5.67
CA MET A 321 11.41 10.33 5.58
C MET A 321 10.75 10.20 6.94
N LEU A 322 11.19 9.25 7.76
CA LEU A 322 10.60 9.07 9.08
C LEU A 322 10.81 10.30 9.96
N GLU A 323 11.94 11.00 9.79
CA GLU A 323 12.13 12.25 10.51
CA GLU A 323 12.12 12.25 10.52
C GLU A 323 11.09 13.29 10.08
N LEU A 324 10.87 13.41 8.76
CA LEU A 324 9.93 14.41 8.27
C LEU A 324 8.51 14.14 8.77
N VAL A 325 8.10 12.87 8.82
CA VAL A 325 6.73 12.56 9.22
C VAL A 325 6.52 12.69 10.71
N GLN A 326 7.60 12.88 11.48
CA GLN A 326 7.50 13.13 12.91
C GLN A 326 7.35 14.63 13.23
N GLN A 327 7.38 15.49 12.22
CA GLN A 327 7.22 16.92 12.48
CA GLN A 327 7.23 16.91 12.53
C GLN A 327 5.83 17.18 13.06
N PRO A 328 5.70 18.10 14.03
CA PRO A 328 4.39 18.35 14.65
C PRO A 328 3.31 18.66 13.63
N GLY A 329 2.16 18.01 13.78
CA GLY A 329 1.01 18.27 12.94
C GLY A 329 1.05 17.66 11.56
N PHE A 330 2.06 16.84 11.24
CA PHE A 330 2.22 16.34 9.88
C PHE A 330 0.98 15.63 9.39
N HIS A 331 0.50 14.65 10.15
CA HIS A 331 -0.62 13.84 9.69
C HIS A 331 -1.94 14.59 9.77
N ALA A 332 -2.11 15.46 10.76
CA ALA A 332 -3.32 16.27 10.79
C ALA A 332 -3.42 17.13 9.54
N ASP A 333 -2.28 17.70 9.12
CA ASP A 333 -2.26 18.51 7.90
C ASP A 333 -2.66 17.66 6.69
N LEU A 334 -2.03 16.49 6.52
CA LEU A 334 -2.37 15.69 5.36
C LEU A 334 -3.78 15.16 5.43
N ALA A 335 -4.28 14.87 6.63
CA ALA A 335 -5.66 14.37 6.72
C ALA A 335 -6.65 15.44 6.28
N GLU A 336 -6.37 16.71 6.61
CA GLU A 336 -7.21 17.82 6.14
C GLU A 336 -7.11 17.99 4.63
N ARG A 337 -5.91 17.92 4.08
CA ARG A 337 -5.76 18.02 2.63
C ARG A 337 -6.52 16.91 1.93
N THR A 338 -6.46 15.70 2.49
CA THR A 338 -7.19 14.57 1.92
C THR A 338 -8.70 14.81 2.00
N ALA A 339 -9.19 15.28 3.13
CA ALA A 339 -10.60 15.64 3.26
C ALA A 339 -10.99 16.69 2.22
N ARG A 340 -10.14 17.71 2.05
CA ARG A 340 -10.43 18.78 1.10
CA ARG A 340 -10.43 18.78 1.10
C ARG A 340 -10.53 18.24 -0.32
N LEU A 341 -9.59 17.37 -0.70
CA LEU A 341 -9.63 16.78 -2.03
C LEU A 341 -10.90 15.96 -2.22
N CYS A 342 -11.23 15.10 -1.24
CA CYS A 342 -12.41 14.26 -1.38
C CYS A 342 -13.68 15.08 -1.50
N ALA A 343 -13.82 16.13 -0.68
CA ALA A 343 -14.99 17.00 -0.78
C ALA A 343 -15.06 17.65 -2.14
N GLY A 344 -13.92 18.09 -2.67
CA GLY A 344 -13.92 18.74 -3.97
C GLY A 344 -14.27 17.78 -5.09
N LEU A 345 -13.83 16.52 -4.97
CA LEU A 345 -14.19 15.51 -5.96
C LEU A 345 -15.67 15.22 -5.92
N GLU A 346 -16.25 15.10 -4.72
CA GLU A 346 -17.69 14.90 -4.60
C GLU A 346 -18.45 16.06 -5.23
N ALA A 347 -18.01 17.28 -4.97
CA ALA A 347 -18.71 18.44 -5.50
C ALA A 347 -18.57 18.50 -7.01
N ALA A 348 -17.38 18.22 -7.54
CA ALA A 348 -17.17 18.24 -8.99
C ALA A 348 -18.04 17.19 -9.67
N ALA A 349 -18.15 16.02 -9.06
CA ALA A 349 -18.98 14.95 -9.63
C ALA A 349 -20.46 15.32 -9.53
N ALA A 350 -20.91 15.81 -8.37
CA ALA A 350 -22.31 16.23 -8.26
C ALA A 350 -22.67 17.27 -9.32
N ASP A 351 -21.79 18.26 -9.53
CA ASP A 351 -22.05 19.29 -10.54
C ASP A 351 -22.24 18.68 -11.92
N ALA A 352 -21.53 17.59 -12.22
CA ALA A 352 -21.58 16.92 -13.51
C ALA A 352 -22.71 15.91 -13.59
N GLY A 353 -23.43 15.68 -12.50
CA GLY A 353 -24.45 14.66 -12.47
C GLY A 353 -23.93 13.24 -12.41
N VAL A 354 -22.75 13.03 -11.83
CA VAL A 354 -22.16 11.70 -11.70
C VAL A 354 -22.17 11.31 -10.23
N ALA A 355 -22.70 10.12 -9.94
CA ALA A 355 -22.74 9.60 -8.58
C ALA A 355 -21.37 9.09 -8.16
N VAL A 356 -20.79 9.69 -7.12
CA VAL A 356 -19.58 9.16 -6.49
C VAL A 356 -19.73 9.24 -4.98
N THR A 357 -18.92 8.45 -4.27
CA THR A 357 -18.68 8.65 -2.86
C THR A 357 -17.18 8.50 -2.62
N THR A 358 -16.74 8.88 -1.43
CA THR A 358 -15.32 8.77 -1.10
C THR A 358 -15.17 8.17 0.28
N THR A 359 -13.97 7.64 0.53
CA THR A 359 -13.51 7.21 1.84
C THR A 359 -12.14 7.81 2.07
N ARG A 360 -11.71 7.87 3.33
CA ARG A 360 -10.38 8.37 3.63
CA ARG A 360 -10.39 8.39 3.63
C ARG A 360 -10.04 8.01 5.06
N VAL A 361 -8.75 7.76 5.29
CA VAL A 361 -8.19 7.61 6.63
C VAL A 361 -6.80 8.23 6.57
N GLY A 362 -6.58 9.30 7.32
CA GLY A 362 -5.30 9.98 7.23
C GLY A 362 -5.03 10.43 5.81
N ALA A 363 -3.86 10.06 5.28
CA ALA A 363 -3.40 10.51 3.96
C ALA A 363 -3.63 9.46 2.87
N MET A 364 -4.59 8.58 3.05
CA MET A 364 -5.05 7.72 1.96
C MET A 364 -6.55 7.90 1.77
N PHE A 365 -7.00 7.70 0.53
CA PHE A 365 -8.40 7.95 0.21
C PHE A 365 -8.84 6.99 -0.88
N GLY A 366 -10.15 6.92 -1.05
CA GLY A 366 -10.75 6.17 -2.15
C GLY A 366 -11.84 6.98 -2.81
N LEU A 367 -11.90 6.94 -4.14
CA LEU A 367 -12.98 7.52 -4.93
C LEU A 367 -13.76 6.34 -5.53
N PHE A 368 -15.09 6.37 -5.39
CA PHE A 368 -15.94 5.26 -5.82
C PHE A 368 -17.05 5.76 -6.72
N PHE A 369 -17.25 5.06 -7.84
CA PHE A 369 -18.31 5.41 -8.79
C PHE A 369 -19.56 4.63 -8.40
N THR A 370 -20.28 5.19 -7.43
CA THR A 370 -21.45 4.59 -6.80
C THR A 370 -22.10 5.66 -5.93
N SER A 371 -23.36 5.41 -5.55
CA SER A 371 -24.02 6.23 -4.55
CA SER A 371 -24.04 6.22 -4.56
C SER A 371 -23.92 5.64 -3.15
N GLU A 372 -23.38 4.43 -3.01
CA GLU A 372 -23.30 3.82 -1.68
C GLU A 372 -22.05 4.27 -0.95
N LYS A 373 -22.16 4.33 0.38
CA LYS A 373 -20.99 4.43 1.23
C LYS A 373 -20.33 3.05 1.27
N VAL A 374 -19.10 2.96 0.77
CA VAL A 374 -18.46 1.65 0.58
C VAL A 374 -17.87 1.16 1.89
N GLU A 375 -18.41 0.05 2.39
CA GLU A 375 -17.88 -0.66 3.53
C GLU A 375 -17.44 -2.08 3.20
N THR A 376 -17.73 -2.57 1.99
CA THR A 376 -17.47 -3.96 1.70
C THR A 376 -16.85 -4.08 0.32
N TYR A 377 -16.15 -5.20 0.12
CA TYR A 377 -15.64 -5.56 -1.19
C TYR A 377 -16.76 -5.65 -2.21
N ALA A 378 -17.93 -6.16 -1.81
CA ALA A 378 -19.02 -6.27 -2.76
C ALA A 378 -19.46 -4.89 -3.25
N GLN A 379 -19.48 -3.90 -2.35
CA GLN A 379 -19.82 -2.54 -2.78
C GLN A 379 -18.74 -1.94 -3.67
N ALA A 380 -17.46 -2.22 -3.36
CA ALA A 380 -16.39 -1.70 -4.21
C ALA A 380 -16.51 -2.25 -5.62
N THR A 381 -16.86 -3.53 -5.74
CA THR A 381 -16.92 -4.14 -7.06
C THR A 381 -18.23 -3.81 -7.78
N ALA A 382 -19.24 -3.30 -7.07
CA ALA A 382 -20.50 -2.92 -7.72
C ALA A 382 -20.43 -1.54 -8.34
N CYS A 383 -19.28 -0.87 -8.24
CA CYS A 383 -19.11 0.46 -8.79
C CYS A 383 -19.11 0.41 -10.32
N ASP A 384 -19.28 1.59 -10.92
CA ASP A 384 -19.35 1.75 -12.38
C ASP A 384 -17.91 1.80 -12.91
N ILE A 385 -17.33 0.62 -13.13
CA ILE A 385 -15.92 0.54 -13.52
C ILE A 385 -15.67 1.21 -14.86
N PRO A 386 -16.51 1.05 -15.89
CA PRO A 386 -16.26 1.79 -17.13
C PRO A 386 -16.27 3.30 -16.96
N ALA A 387 -17.13 3.82 -16.09
CA ALA A 387 -17.11 5.26 -15.83
C ALA A 387 -15.81 5.68 -15.14
N PHE A 388 -15.32 4.88 -14.18
CA PHE A 388 -14.01 5.19 -13.62
C PHE A 388 -12.95 5.23 -14.71
N ASN A 389 -12.95 4.25 -15.61
CA ASN A 389 -11.93 4.20 -16.64
C ASN A 389 -11.97 5.45 -17.51
N ARG A 390 -13.17 5.92 -17.87
CA ARG A 390 -13.26 7.16 -18.64
C ARG A 390 -12.74 8.35 -17.85
N PHE A 391 -13.06 8.40 -16.55
CA PHE A 391 -12.59 9.48 -15.69
C PHE A 391 -11.07 9.49 -15.59
N PHE A 392 -10.47 8.29 -15.43
CA PHE A 392 -9.02 8.18 -15.36
C PHE A 392 -8.36 8.81 -16.59
N HIS A 393 -8.82 8.43 -17.78
CA HIS A 393 -8.21 8.97 -18.99
C HIS A 393 -8.48 10.46 -19.15
N ALA A 394 -9.67 10.92 -18.78
CA ALA A 394 -9.96 12.35 -18.83
C ALA A 394 -9.09 13.13 -17.86
N MET A 395 -8.82 12.56 -16.67
CA MET A 395 -7.93 13.22 -15.73
C MET A 395 -6.49 13.27 -16.25
N LEU A 396 -6.01 12.17 -16.85
CA LEU A 396 -4.69 12.22 -17.45
CA LEU A 396 -4.70 12.20 -17.49
C LEU A 396 -4.61 13.35 -18.48
N GLU A 397 -5.67 13.54 -19.27
CA GLU A 397 -5.67 14.60 -20.26
C GLU A 397 -5.62 15.98 -19.61
N GLN A 398 -6.16 16.12 -18.41
CA GLN A 398 -6.09 17.35 -17.62
C GLN A 398 -4.82 17.47 -16.81
N GLY A 399 -3.91 16.51 -16.94
CA GLY A 399 -2.65 16.59 -16.23
C GLY A 399 -2.69 16.07 -14.81
N VAL A 400 -3.53 15.08 -14.51
CA VAL A 400 -3.59 14.45 -13.19
C VAL A 400 -3.49 12.96 -13.39
N PHE A 401 -2.58 12.31 -12.64
CA PHE A 401 -2.38 10.86 -12.65
C PHE A 401 -2.97 10.26 -11.37
N LEU A 402 -4.12 9.64 -11.47
CA LEU A 402 -4.71 8.83 -10.40
C LEU A 402 -4.26 7.39 -10.59
N ALA A 403 -4.42 6.59 -9.54
CA ALA A 403 -4.05 5.19 -9.67
C ALA A 403 -4.82 4.59 -10.84
N PRO A 404 -4.14 3.87 -11.76
CA PRO A 404 -4.83 3.32 -12.94
C PRO A 404 -5.62 2.05 -12.62
N SER A 405 -6.57 2.17 -11.70
CA SER A 405 -7.35 1.03 -11.25
C SER A 405 -8.48 1.54 -10.35
N ALA A 406 -9.69 0.99 -10.54
CA ALA A 406 -10.80 1.24 -9.63
C ALA A 406 -10.60 0.55 -8.29
N TYR A 407 -9.52 -0.20 -8.13
CA TYR A 407 -9.26 -1.01 -6.95
C TYR A 407 -7.96 -0.64 -6.27
N GLU A 408 -7.55 0.62 -6.36
CA GLU A 408 -6.36 1.09 -5.66
C GLU A 408 -6.66 2.39 -4.93
N ALA A 409 -6.29 2.45 -3.66
CA ALA A 409 -6.39 3.70 -2.91
C ALA A 409 -5.46 4.76 -3.49
N GLY A 410 -5.84 6.03 -3.32
CA GLY A 410 -5.01 7.16 -3.69
C GLY A 410 -4.30 7.76 -2.47
N PHE A 411 -3.32 8.61 -2.75
CA PHE A 411 -2.41 9.09 -1.73
C PHE A 411 -2.18 10.60 -1.82
N LEU A 412 -2.22 11.27 -0.67
CA LEU A 412 -1.84 12.66 -0.53
C LEU A 412 -0.41 12.74 -0.01
N SER A 413 0.28 13.82 -0.36
CA SER A 413 1.63 14.06 0.10
C SER A 413 1.70 15.51 0.58
N SER A 414 2.76 15.80 1.34
CA SER A 414 2.94 17.17 1.79
C SER A 414 3.34 18.12 0.67
N ALA A 415 3.65 17.62 -0.53
CA ALA A 415 3.90 18.49 -1.68
C ALA A 415 2.63 18.92 -2.38
N HIS A 416 1.48 18.35 -2.00
CA HIS A 416 0.20 18.73 -2.61
C HIS A 416 -0.31 19.98 -1.89
N ASP A 417 0.24 21.13 -2.29
CA ASP A 417 -0.13 22.39 -1.68
C ASP A 417 -1.51 22.85 -2.15
N ASP A 418 -1.95 24.00 -1.66
CA ASP A 418 -3.30 24.47 -1.95
C ASP A 418 -3.52 24.64 -3.45
N ALA A 419 -2.54 25.20 -4.16
CA ALA A 419 -2.72 25.38 -5.60
C ALA A 419 -2.77 24.04 -6.34
N VAL A 420 -1.97 23.06 -5.90
CA VAL A 420 -2.03 21.73 -6.50
C VAL A 420 -3.41 21.12 -6.31
N ILE A 421 -3.94 21.21 -5.09
CA ILE A 421 -5.27 20.64 -4.83
C ILE A 421 -6.31 21.33 -5.68
N GLU A 422 -6.27 22.67 -5.73
CA GLU A 422 -7.23 23.41 -6.55
C GLU A 422 -7.11 23.05 -8.03
N ALA A 423 -5.89 22.90 -8.55
CA ALA A 423 -5.73 22.48 -9.94
C ALA A 423 -6.31 21.10 -10.15
N THR A 424 -6.21 20.21 -9.15
CA THR A 424 -6.79 18.88 -9.28
C THR A 424 -8.30 18.99 -9.37
N LEU A 425 -8.91 19.89 -8.61
CA LEU A 425 -10.36 20.07 -8.63
C LEU A 425 -10.81 20.70 -9.94
N ALA A 426 -10.06 21.67 -10.47
CA ALA A 426 -10.40 22.21 -11.79
C ALA A 426 -10.38 21.11 -12.84
N ALA A 427 -9.40 20.21 -12.75
CA ALA A 427 -9.31 19.08 -13.67
C ALA A 427 -10.52 18.17 -13.52
N ALA A 428 -10.88 17.86 -12.27
CA ALA A 428 -12.01 16.96 -12.02
C ALA A 428 -13.32 17.56 -12.51
N ARG A 429 -13.48 18.89 -12.41
CA ARG A 429 -14.72 19.50 -12.89
C ARG A 429 -14.94 19.19 -14.37
N VAL A 430 -13.88 19.23 -15.18
CA VAL A 430 -14.03 18.86 -16.59
C VAL A 430 -14.08 17.35 -16.76
N ALA A 431 -13.19 16.63 -16.07
CA ALA A 431 -13.07 15.19 -16.30
C ALA A 431 -14.33 14.43 -15.92
N PHE A 432 -15.03 14.83 -14.85
CA PHE A 432 -16.29 14.15 -14.55
C PHE A 432 -17.31 14.32 -15.67
N ARG A 433 -17.34 15.51 -16.30
CA ARG A 433 -18.25 15.73 -17.42
CA ARG A 433 -18.25 15.73 -17.42
C ARG A 433 -17.84 14.89 -18.62
N ALA A 434 -16.54 14.74 -18.85
CA ALA A 434 -16.07 13.90 -19.94
C ALA A 434 -16.50 12.45 -19.74
N ALA A 435 -16.48 12.00 -18.49
CA ALA A 435 -16.69 10.61 -18.17
C ALA A 435 -18.16 10.25 -17.93
N LYS A 436 -19.04 11.25 -17.86
CA LYS A 436 -20.47 11.02 -17.56
C LYS A 436 -21.16 10.04 -18.52
N1 PLP B . 1.07 -5.39 1.39
N1 PLP B . 1.18 -5.29 1.44
C2 PLP B . 0.40 -4.33 0.91
C2 PLP B . 0.44 -4.27 1.02
C2A PLP B . -0.71 -3.78 1.75
C2A PLP B . -0.59 -3.71 1.96
C3 PLP B . 0.72 -3.78 -0.33
C3 PLP B . 0.57 -3.77 -0.28
O3 PLP B . 0.00 -2.71 -0.76
O3 PLP B . -0.16 -2.69 -0.63
C4 PLP B . 1.74 -4.33 -1.11
C4 PLP B . 1.47 -4.36 -1.19
C4A PLP B . 2.08 -3.71 -2.39
C4A PLP B . 1.46 -3.89 -2.59
O4A PLP B . 1.51 -2.74 -2.81
O4A PLP B . 2.12 -4.30 -3.49
C5 PLP B . 2.42 -5.45 -0.59
C5 PLP B . 2.27 -5.42 -0.70
C6 PLP B . 2.05 -5.91 0.64
C6 PLP B . 2.07 -5.83 0.60
C5A PLP B . 3.50 -6.17 -1.36
C5A PLP B . 3.30 -6.11 -1.55
O4P PLP B . 4.65 -5.27 -1.48
O4P PLP B . 4.55 -5.33 -1.48
P PLP B . 5.76 -5.45 -2.64
P PLP B . 5.72 -5.45 -2.59
O1P PLP B . 6.28 -6.87 -2.60
O1P PLP B . 6.27 -6.86 -2.59
O2P PLP B . 6.83 -4.47 -2.25
O2P PLP B . 6.76 -4.44 -2.09
O3P PLP B . 5.08 -5.16 -3.99
O3P PLP B . 5.11 -5.12 -3.96
#